data_2XKL
#
_entry.id   2XKL
#
_cell.length_a   53.930
_cell.length_b   53.930
_cell.length_c   207.480
_cell.angle_alpha   90.00
_cell.angle_beta   90.00
_cell.angle_gamma   120.00
#
_symmetry.space_group_name_H-M   'P 65 2 2'
#
loop_
_entity.id
_entity.type
_entity.pdbx_description
1 polymer 'APOLIPOPROTEIN M'
2 non-polymer GLYCEROL
3 non-polymer N-PROPANOL
4 non-polymer 1,2-ETHANEDIOL
5 non-polymer 'SODIUM ION'
6 water water
#
_entity_poly.entity_id   1
_entity_poly.type   'polypeptide(L)'
_entity_poly.pdbx_seq_one_letter_code
;MNQCPEHSQLTALGMDDTETPEPHLGLWYFIAGAASTTEELATFDPVDNIVFNMAAGSAPRQLQLRATIRTKSGVCVPRK
WTYRLTEGKGNMELRTEGRPDMKTDLFSSSCPGGIMLKETGQGYQRFLLYNRSPHPPEKCVEEFQSLTSCLDFKAFLVTP
RNQEACPLSSK
;
_entity_poly.pdbx_strand_id   A
#
# COMPACT_ATOMS: atom_id res chain seq x y z
N PRO A 5 5.20 -20.11 11.20
CA PRO A 5 5.07 -18.64 11.06
C PRO A 5 3.89 -18.22 10.17
N GLU A 6 2.75 -17.93 10.78
CA GLU A 6 1.55 -17.50 10.05
C GLU A 6 1.52 -15.97 9.87
N HIS A 7 1.79 -15.51 8.64
CA HIS A 7 1.73 -14.06 8.33
C HIS A 7 0.67 -13.72 7.31
N SER A 8 0.27 -12.46 7.30
CA SER A 8 -0.57 -11.95 6.26
C SER A 8 0.15 -12.10 4.91
N GLN A 9 -0.64 -12.31 3.86
CA GLN A 9 -0.11 -12.70 2.58
C GLN A 9 -0.20 -11.55 1.55
N LEU A 10 0.91 -11.33 0.86
CA LEU A 10 0.96 -10.31 -0.17
C LEU A 10 1.19 -10.98 -1.52
N THR A 11 0.48 -10.50 -2.54
CA THR A 11 0.67 -10.94 -3.92
C THR A 11 0.81 -9.67 -4.72
N ALA A 12 1.91 -9.51 -5.45
CA ALA A 12 2.06 -8.36 -6.33
C ALA A 12 1.14 -8.58 -7.50
N LEU A 13 0.28 -7.59 -7.80
CA LEU A 13 -0.75 -7.75 -8.82
C LEU A 13 -0.43 -6.98 -10.09
N GLY A 14 0.45 -5.99 -9.98
CA GLY A 14 0.91 -5.23 -11.14
C GLY A 14 1.68 -4.02 -10.64
N MET A 15 2.55 -3.50 -11.49
CA MET A 15 3.29 -2.29 -11.14
C MET A 15 3.74 -1.54 -12.37
N ASP A 16 4.08 -0.26 -12.18
CA ASP A 16 4.77 0.51 -13.19
C ASP A 16 6.24 0.01 -13.25
N ASP A 17 6.52 -0.77 -14.29
CA ASP A 17 7.80 -1.43 -14.46
C ASP A 17 8.91 -0.48 -14.94
N THR A 18 8.55 0.76 -15.23
CA THR A 18 9.49 1.74 -15.74
C THR A 18 10.04 2.63 -14.62
N GLU A 19 9.49 2.53 -13.42
CA GLU A 19 10.02 3.26 -12.29
C GLU A 19 11.33 2.68 -11.77
N THR A 20 12.14 3.54 -11.17
CA THR A 20 13.39 3.13 -10.53
C THR A 20 13.32 3.57 -9.05
N PRO A 21 14.10 2.94 -8.16
CA PRO A 21 14.94 1.75 -8.29
C PRO A 21 14.05 0.52 -8.18
N GLU A 22 14.67 -0.66 -8.06
CA GLU A 22 13.89 -1.87 -7.77
C GLU A 22 13.06 -1.67 -6.48
N PRO A 23 11.96 -2.45 -6.32
CA PRO A 23 11.06 -2.26 -5.17
C PRO A 23 11.73 -2.31 -3.78
N HIS A 24 12.82 -3.07 -3.61
CA HIS A 24 13.43 -3.23 -2.27
C HIS A 24 14.31 -2.08 -1.84
N LEU A 25 14.44 -1.10 -2.73
CA LEU A 25 15.22 0.11 -2.46
C LEU A 25 14.31 1.34 -2.46
N GLY A 26 14.70 2.36 -1.68
CA GLY A 26 14.00 3.65 -1.71
C GLY A 26 12.68 3.61 -0.95
N LEU A 27 11.89 4.67 -1.06
CA LEU A 27 10.68 4.78 -0.25
C LEU A 27 9.45 4.55 -1.09
N TRP A 28 8.38 4.08 -0.44
CA TRP A 28 7.05 3.97 -1.03
C TRP A 28 6.06 4.69 -0.14
N TYR A 29 4.93 5.06 -0.72
CA TYR A 29 3.83 5.69 0.05
C TYR A 29 2.51 4.95 -0.14
N PHE A 30 1.72 4.89 0.92
CA PHE A 30 0.40 4.25 0.88
C PHE A 30 -0.70 5.21 0.40
N ILE A 31 -1.31 4.88 -0.73
CA ILE A 31 -2.29 5.80 -1.34
C ILE A 31 -3.77 5.48 -1.04
N ALA A 32 -4.12 4.19 -1.07
CA ALA A 32 -5.53 3.78 -1.04
C ALA A 32 -5.71 2.29 -0.88
N GLY A 33 -6.91 1.91 -0.43
CA GLY A 33 -7.25 0.52 -0.21
C GLY A 33 -8.64 0.23 -0.72
N ALA A 34 -8.86 -0.98 -1.22
CA ALA A 34 -10.21 -1.36 -1.59
C ALA A 34 -10.48 -2.78 -1.08
N ALA A 35 -11.71 -3.01 -0.63
CA ALA A 35 -12.07 -4.29 -0.01
C ALA A 35 -13.55 -4.45 -0.20
N SER A 36 -14.08 -5.60 0.19
CA SER A 36 -15.50 -5.80 0.02
C SER A 36 -16.28 -5.32 1.24
N THR A 37 -15.63 -5.22 2.41
CA THR A 37 -16.28 -4.68 3.61
C THR A 37 -15.42 -3.60 4.25
N THR A 38 -16.07 -2.73 5.02
CA THR A 38 -15.40 -1.61 5.66
C THR A 38 -14.43 -2.14 6.71
N GLU A 39 -14.80 -3.23 7.39
CA GLU A 39 -13.95 -3.92 8.36
C GLU A 39 -12.54 -4.20 7.83
N GLU A 40 -12.43 -4.52 6.53
CA GLU A 40 -11.14 -4.86 5.95
C GLU A 40 -10.30 -3.61 5.67
N LEU A 41 -10.84 -2.43 6.02
CA LEU A 41 -10.12 -1.18 5.78
C LEU A 41 -10.04 -0.29 7.00
N ALA A 42 -10.88 -0.60 7.99
CA ALA A 42 -11.05 0.20 9.21
C ALA A 42 -9.74 0.53 9.89
N THR A 43 -8.76 -0.36 9.83
CA THR A 43 -7.48 -0.10 10.46
C THR A 43 -6.82 1.18 9.97
N PHE A 44 -7.15 1.60 8.75
CA PHE A 44 -6.55 2.78 8.15
C PHE A 44 -7.31 4.08 8.39
N ASP A 45 -8.46 4.03 9.05
CA ASP A 45 -9.22 5.23 9.31
C ASP A 45 -8.42 6.39 10.00
N PRO A 46 -7.57 6.09 11.02
CA PRO A 46 -6.76 7.15 11.68
C PRO A 46 -5.55 7.66 10.88
N VAL A 47 -5.30 7.07 9.70
CA VAL A 47 -4.09 7.38 8.95
C VAL A 47 -4.21 8.67 8.14
N ASP A 48 -3.21 9.55 8.25
CA ASP A 48 -3.04 10.61 7.24
C ASP A 48 -2.15 10.14 6.10
N ASN A 49 -1.00 9.58 6.42
CA ASN A 49 -0.10 9.08 5.38
C ASN A 49 0.83 8.02 5.91
N ILE A 50 1.39 7.22 5.02
CA ILE A 50 2.41 6.23 5.42
C ILE A 50 3.58 6.28 4.49
N VAL A 51 4.76 6.49 5.05
CA VAL A 51 5.99 6.31 4.29
C VAL A 51 6.61 4.98 4.73
N PHE A 52 7.09 4.15 3.78
CA PHE A 52 7.74 2.88 4.13
C PHE A 52 8.77 2.42 3.09
N ASN A 53 9.61 1.46 3.50
CA ASN A 53 10.53 0.76 2.60
C ASN A 53 10.22 -0.74 2.67
N MET A 54 10.53 -1.48 1.60
CA MET A 54 10.22 -2.89 1.54
C MET A 54 11.52 -3.66 1.50
N ALA A 55 11.66 -4.69 2.32
CA ALA A 55 12.90 -5.47 2.34
C ALA A 55 12.60 -6.96 2.24
N ALA A 56 13.51 -7.72 1.64
CA ALA A 56 13.41 -9.18 1.72
C ALA A 56 13.51 -9.60 3.19
N GLY A 57 12.76 -10.64 3.55
CA GLY A 57 12.57 -10.95 4.97
C GLY A 57 13.55 -11.87 5.66
N SER A 58 14.78 -12.00 5.14
CA SER A 58 15.84 -12.87 5.71
C SER A 58 15.52 -14.40 5.73
N ALA A 59 14.36 -14.74 6.29
CA ALA A 59 13.70 -16.03 6.07
C ALA A 59 13.05 -16.02 4.67
N PRO A 60 12.88 -17.20 4.03
CA PRO A 60 12.56 -17.19 2.59
C PRO A 60 11.08 -16.93 2.27
N ARG A 61 10.83 -16.29 1.11
CA ARG A 61 9.47 -15.96 0.66
C ARG A 61 8.72 -15.04 1.65
N GLN A 62 9.44 -14.03 2.13
CA GLN A 62 8.98 -13.13 3.16
C GLN A 62 9.29 -11.68 2.80
N LEU A 63 8.36 -10.79 3.10
CA LEU A 63 8.55 -9.37 2.87
C LEU A 63 8.41 -8.60 4.19
N GLN A 64 9.32 -7.66 4.43
CA GLN A 64 9.21 -6.74 5.58
C GLN A 64 9.02 -5.27 5.20
N LEU A 65 7.97 -4.65 5.71
CA LEU A 65 7.75 -3.22 5.55
C LEU A 65 8.16 -2.50 6.83
N ARG A 66 9.10 -1.57 6.74
CA ARG A 66 9.41 -0.65 7.83
C ARG A 66 8.71 0.63 7.49
N ALA A 67 7.83 1.11 8.38
CA ALA A 67 6.93 2.20 8.08
C ALA A 67 6.89 3.23 9.20
N THR A 68 6.52 4.46 8.86
CA THR A 68 6.10 5.37 9.90
C THR A 68 4.77 5.95 9.50
N ILE A 69 3.77 5.71 10.34
CA ILE A 69 2.43 6.19 10.05
C ILE A 69 2.24 7.60 10.60
N ARG A 70 1.92 8.55 9.72
CA ARG A 70 1.45 9.83 10.17
C ARG A 70 -0.02 9.67 10.41
N THR A 71 -0.40 10.07 11.59
CA THR A 71 -1.72 9.94 12.12
C THR A 71 -2.48 11.23 11.83
N LYS A 72 -3.79 11.11 11.60
CA LYS A 72 -4.64 12.30 11.40
C LYS A 72 -4.46 13.35 12.51
N SER A 73 -4.35 12.87 13.75
CA SER A 73 -4.10 13.73 14.91
C SER A 73 -2.68 14.31 14.94
N GLY A 74 -1.83 13.94 13.99
CA GLY A 74 -0.52 14.58 13.85
C GLY A 74 0.74 13.86 14.33
N VAL A 75 0.58 12.75 15.05
CA VAL A 75 1.72 12.03 15.62
C VAL A 75 2.26 10.97 14.65
N CYS A 76 3.38 10.36 15.00
CA CYS A 76 4.04 9.40 14.14
C CYS A 76 4.14 8.07 14.84
N VAL A 77 3.59 7.02 14.22
CA VAL A 77 3.74 5.69 14.79
C VAL A 77 4.60 4.77 13.89
N PRO A 78 5.84 4.48 14.34
CA PRO A 78 6.74 3.62 13.60
C PRO A 78 6.23 2.20 13.63
N ARG A 79 6.55 1.43 12.59
CA ARG A 79 5.98 0.12 12.44
C ARG A 79 6.91 -0.75 11.59
N LYS A 80 7.06 -2.01 11.99
CA LYS A 80 7.79 -3.00 11.22
C LYS A 80 6.86 -4.21 11.01
N TRP A 81 6.46 -4.45 9.76
CA TRP A 81 5.45 -5.46 9.43
C TRP A 81 6.04 -6.60 8.60
N THR A 82 5.78 -7.83 8.99
CA THR A 82 6.28 -8.93 8.19
C THR A 82 5.17 -9.74 7.55
N TYR A 83 5.32 -9.99 6.25
CA TYR A 83 4.35 -10.72 5.47
C TYR A 83 4.91 -12.00 4.85
N ARG A 84 4.02 -12.94 4.52
CA ARG A 84 4.37 -14.02 3.62
C ARG A 84 4.14 -13.54 2.17
N LEU A 85 5.07 -13.86 1.25
CA LEU A 85 4.84 -13.62 -0.18
C LEU A 85 4.23 -14.84 -0.85
N THR A 86 3.38 -14.59 -1.82
CA THR A 86 2.67 -15.64 -2.56
C THR A 86 3.64 -16.44 -3.42
N GLU A 87 3.36 -17.75 -3.55
CA GLU A 87 4.14 -18.63 -4.40
C GLU A 87 3.71 -18.46 -5.86
N ASP A 105 -2.23 -1.19 -18.79
CA ASP A 105 -3.45 -0.64 -18.22
C ASP A 105 -3.18 0.27 -17.00
N LEU A 106 -3.56 -0.20 -15.81
CA LEU A 106 -3.50 0.65 -14.61
C LEU A 106 -2.19 1.40 -14.47
N PHE A 107 -1.08 0.70 -14.49
CA PHE A 107 0.22 1.32 -14.27
C PHE A 107 0.88 1.80 -15.56
N SER A 108 0.38 1.28 -16.68
CA SER A 108 0.84 1.71 -17.98
C SER A 108 0.61 3.22 -18.24
N SER A 109 -0.38 3.82 -17.59
CA SER A 109 -0.70 5.23 -17.82
C SER A 109 -1.31 5.96 -16.60
N SER A 110 -2.26 5.29 -15.95
CA SER A 110 -3.00 5.89 -14.84
C SER A 110 -2.10 6.13 -13.61
N CYS A 111 -1.29 5.14 -13.24
CA CYS A 111 -0.45 5.20 -12.04
C CYS A 111 1.07 5.10 -12.29
N PRO A 112 1.72 6.18 -12.79
CA PRO A 112 3.19 6.13 -12.80
C PRO A 112 3.76 6.00 -11.37
N GLY A 113 4.85 5.25 -11.22
CA GLY A 113 5.44 5.02 -9.92
C GLY A 113 4.66 4.11 -9.01
N GLY A 114 3.63 3.44 -9.55
CA GLY A 114 2.69 2.69 -8.72
C GLY A 114 3.00 1.22 -8.57
N ILE A 115 2.39 0.61 -7.57
CA ILE A 115 2.33 -0.84 -7.39
C ILE A 115 1.01 -1.15 -6.67
N MET A 116 0.33 -2.19 -7.14
CA MET A 116 -0.84 -2.74 -6.46
C MET A 116 -0.53 -4.14 -5.91
N LEU A 117 -0.88 -4.34 -4.64
CA LEU A 117 -0.73 -5.63 -3.95
C LEU A 117 -2.07 -6.11 -3.45
N LYS A 118 -2.17 -7.43 -3.30
CA LYS A 118 -3.34 -8.05 -2.72
C LYS A 118 -2.92 -8.64 -1.39
N GLU A 119 -3.59 -8.21 -0.31
CA GLU A 119 -3.35 -8.74 1.00
C GLU A 119 -4.44 -9.71 1.42
N THR A 120 -4.01 -10.86 1.90
CA THR A 120 -4.85 -12.02 2.04
C THR A 120 -4.48 -12.81 3.30
N GLY A 121 -5.52 -13.31 3.98
CA GLY A 121 -5.40 -14.30 5.03
C GLY A 121 -6.77 -14.93 5.12
N GLN A 122 -6.94 -15.90 6.01
CA GLN A 122 -8.22 -16.58 6.18
C GLN A 122 -9.34 -15.61 6.61
N GLY A 123 -10.33 -15.45 5.75
CA GLY A 123 -11.46 -14.58 6.04
C GLY A 123 -11.35 -13.13 5.57
N TYR A 124 -10.27 -12.76 4.89
CA TYR A 124 -10.14 -11.35 4.47
C TYR A 124 -9.28 -11.16 3.21
N GLN A 125 -9.59 -10.11 2.47
CA GLN A 125 -8.88 -9.73 1.25
C GLN A 125 -8.99 -8.21 1.17
N ARG A 126 -7.92 -7.56 0.71
CA ARG A 126 -7.96 -6.14 0.44
C ARG A 126 -6.96 -5.91 -0.68
N PHE A 127 -7.19 -4.86 -1.47
CA PHE A 127 -6.22 -4.43 -2.48
C PHE A 127 -5.58 -3.13 -2.04
N LEU A 128 -4.26 -3.05 -2.16
CA LEU A 128 -3.51 -1.94 -1.62
C LEU A 128 -2.74 -1.21 -2.70
N LEU A 129 -2.85 0.12 -2.70
CA LEU A 129 -2.25 0.89 -3.75
C LEU A 129 -1.12 1.75 -3.17
N TYR A 130 0.11 1.49 -3.62
CA TYR A 130 1.25 2.30 -3.23
C TYR A 130 1.79 3.13 -4.39
N ASN A 131 2.61 4.13 -4.09
CA ASN A 131 3.28 4.90 -5.11
C ASN A 131 4.64 5.42 -4.63
N ARG A 132 5.57 5.63 -5.56
CA ARG A 132 6.90 6.18 -5.24
C ARG A 132 6.76 7.63 -4.82
N SER A 133 5.73 8.28 -5.31
CA SER A 133 5.49 9.68 -5.03
C SER A 133 4.39 9.83 -3.96
N PRO A 134 4.57 10.76 -3.00
CA PRO A 134 3.54 10.89 -1.96
C PRO A 134 2.21 11.43 -2.51
N HIS A 135 2.25 12.13 -3.63
CA HIS A 135 1.04 12.64 -4.26
C HIS A 135 0.98 12.33 -5.75
N PRO A 136 0.63 11.08 -6.12
CA PRO A 136 0.55 10.74 -7.53
C PRO A 136 -0.61 11.46 -8.16
N PRO A 137 -0.68 11.48 -9.50
CA PRO A 137 -1.81 12.10 -10.19
C PRO A 137 -3.14 11.47 -9.78
N GLU A 138 -4.10 12.30 -9.41
CA GLU A 138 -5.44 11.86 -8.99
C GLU A 138 -6.09 10.81 -9.88
N LYS A 139 -5.69 10.73 -11.15
CA LYS A 139 -6.35 9.77 -12.05
C LYS A 139 -5.86 8.34 -11.76
N CYS A 140 -4.85 8.23 -10.92
CA CYS A 140 -4.41 6.95 -10.43
C CYS A 140 -5.46 6.37 -9.44
N VAL A 141 -5.76 7.14 -8.39
CA VAL A 141 -6.76 6.75 -7.40
C VAL A 141 -8.11 6.50 -8.04
N GLU A 142 -8.48 7.35 -9.00
CA GLU A 142 -9.72 7.20 -9.73
C GLU A 142 -9.78 5.86 -10.47
N GLU A 143 -8.73 5.54 -11.23
CA GLU A 143 -8.69 4.28 -11.96
C GLU A 143 -8.65 3.04 -11.07
N PHE A 144 -7.98 3.15 -9.93
CA PHE A 144 -7.94 2.08 -8.96
C PHE A 144 -9.33 1.91 -8.31
N GLN A 145 -10.00 3.03 -8.01
CA GLN A 145 -11.34 2.99 -7.44
C GLN A 145 -12.31 2.37 -8.45
N SER A 146 -12.15 2.82 -9.68
CA SER A 146 -13.05 2.43 -10.73
C SER A 146 -12.92 0.94 -10.99
N LEU A 147 -11.68 0.45 -10.97
CA LEU A 147 -11.39 -0.93 -11.30
C LEU A 147 -11.85 -1.87 -10.19
N THR A 148 -11.54 -1.50 -8.95
CA THR A 148 -11.97 -2.31 -7.80
C THR A 148 -13.49 -2.23 -7.63
N SER A 149 -14.07 -1.06 -7.88
CA SER A 149 -15.52 -0.88 -7.74
C SER A 149 -16.25 -1.74 -8.76
N CYS A 150 -15.66 -1.84 -9.95
CA CYS A 150 -16.19 -2.64 -11.04
C CYS A 150 -16.41 -4.09 -10.62
N LEU A 151 -15.45 -4.63 -9.90
CA LEU A 151 -15.49 -6.01 -9.51
C LEU A 151 -16.16 -6.23 -8.14
N ASP A 152 -16.87 -5.20 -7.66
CA ASP A 152 -17.72 -5.23 -6.45
C ASP A 152 -16.97 -5.14 -5.12
N PHE A 153 -15.74 -4.64 -5.18
CA PHE A 153 -14.96 -4.29 -3.98
C PHE A 153 -15.22 -2.83 -3.74
N LYS A 154 -16.39 -2.55 -3.20
CA LYS A 154 -16.85 -1.18 -3.08
C LYS A 154 -16.47 -0.49 -1.76
N ALA A 155 -15.95 -1.20 -0.77
CA ALA A 155 -15.40 -0.47 0.39
C ALA A 155 -14.07 0.15 -0.08
N PHE A 156 -13.92 1.45 0.12
CA PHE A 156 -12.81 2.19 -0.49
C PHE A 156 -12.31 3.22 0.50
N LEU A 157 -11.00 3.38 0.54
CA LEU A 157 -10.34 4.32 1.45
C LEU A 157 -9.15 4.95 0.71
N VAL A 158 -9.11 6.28 0.65
CA VAL A 158 -7.96 6.99 0.10
C VAL A 158 -7.35 7.76 1.27
N THR A 159 -6.06 7.59 1.55
CA THR A 159 -5.41 8.36 2.60
C THR A 159 -5.42 9.83 2.21
N PRO A 160 -5.77 10.71 3.16
CA PRO A 160 -5.94 12.14 2.89
C PRO A 160 -4.63 12.87 2.55
N ARG A 161 -3.50 12.38 3.09
CA ARG A 161 -2.18 12.92 2.78
C ARG A 161 -2.11 14.46 2.85
N ASN A 162 -2.65 15.03 3.93
CA ASN A 162 -2.62 16.49 4.14
C ASN A 162 -1.39 16.93 4.90
N GLN A 163 -0.74 16.00 5.58
CA GLN A 163 0.38 16.32 6.44
C GLN A 163 1.67 15.80 5.84
N GLU A 164 2.76 16.25 6.42
CA GLU A 164 4.09 15.85 6.04
C GLU A 164 4.28 14.38 6.40
N ALA A 165 5.11 13.68 5.62
CA ALA A 165 5.59 12.34 5.95
C ALA A 165 6.31 12.37 7.29
N CYS A 166 6.44 11.21 7.93
CA CYS A 166 7.14 11.08 9.22
C CYS A 166 8.56 10.60 8.95
N PRO A 167 9.48 10.82 9.91
CA PRO A 167 10.81 10.25 9.71
C PRO A 167 10.80 8.72 9.68
N LEU A 168 11.75 8.15 8.95
CA LEU A 168 11.90 6.72 8.79
C LEU A 168 13.39 6.50 8.78
N SER A 169 13.86 5.48 9.49
CA SER A 169 15.31 5.22 9.68
C SER A 169 16.20 4.95 8.47
N SER A 170 17.44 5.45 8.59
CA SER A 170 18.56 5.38 7.60
C SER A 170 18.12 5.61 6.15
#